data_9PFL
#
_entry.id   9PFL
#
_cell.length_a   46.695
_cell.length_b   107.234
_cell.length_c   47.027
_cell.angle_alpha   90
_cell.angle_beta   98.564
_cell.angle_gamma   90
#
_symmetry.space_group_name_H-M   'P 1 21 1'
#
loop_
_entity.id
_entity.type
_entity.pdbx_description
1 polymer '15-hydroxyprostaglandin dehydrogenase [NAD(+)]'
2 non-polymer (4S)-7-[7-(4,4-difluoropiperidine-1-carbonyl)-2,3-dihydro-4H-1,4-benzoxazin-4-yl]-2-methyl[1,2,4]triazolo[4,3-a]pyridin-3(2H)-one
3 non-polymer NICOTINAMIDE-ADENINE-DINUCLEOTIDE
4 non-polymer 'IODIDE ION'
5 non-polymer 1,2-ETHANEDIOL
6 non-polymer GLYCEROL
7 water water
#
_entity_poly.entity_id   1
_entity_poly.type   'polypeptide(L)'
_entity_poly.pdbx_seq_one_letter_code
;HVNGKVALVTGAAQGIGRAFAEALLLKGAKVALVDWNLEAGVQCKAALDEQFEPQKTLFIQCDVADQQQLRDTFRKVVDH
FGRLDILVNNAGVNNEKNWEKTLQINLVSVISGTYLGLDYMSKQNGGEGGIIINMSSLAGLMPVAQQPVYCASKHGIVGF
TRSAALAANLMNSGVRLNAICPGFVNTAILESIEKEENMGQYIEYKDHIKDMIKYYGILDPPLIANGLITLIEDDALNGA
IMKITTSKGIHFQDY
;
_entity_poly.pdbx_strand_id   A,B
#
# COMPACT_ATOMS: atom_id res chain seq x y z
N HIS A 1 18.28 17.53 -21.51
CA HIS A 1 18.15 16.40 -20.55
C HIS A 1 16.80 15.68 -20.76
N VAL A 2 15.88 16.35 -21.47
CA VAL A 2 14.58 15.74 -21.78
C VAL A 2 14.47 15.54 -23.30
N ASN A 3 15.14 16.42 -24.05
CA ASN A 3 14.99 16.45 -25.49
C ASN A 3 15.28 15.09 -26.10
N GLY A 4 14.30 14.55 -26.84
CA GLY A 4 14.48 13.35 -27.63
C GLY A 4 14.28 12.10 -26.77
N LYS A 5 14.00 12.30 -25.48
CA LYS A 5 13.72 11.16 -24.62
C LYS A 5 12.30 10.69 -24.87
N VAL A 6 12.09 9.39 -24.64
CA VAL A 6 10.78 8.80 -24.81
C VAL A 6 10.16 8.61 -23.44
N ALA A 7 8.97 9.19 -23.28
CA ALA A 7 8.23 9.15 -22.03
C ALA A 7 6.97 8.34 -22.22
N LEU A 8 6.64 7.50 -21.22
CA LEU A 8 5.36 6.79 -21.20
C LEU A 8 4.62 7.33 -20.00
N VAL A 9 3.45 7.94 -20.24
CA VAL A 9 2.72 8.50 -19.11
C VAL A 9 1.39 7.78 -19.06
N THR A 10 1.13 7.11 -17.94
CA THR A 10 -0.19 6.50 -17.79
C THR A 10 -1.12 7.57 -17.24
N GLY A 11 -2.41 7.40 -17.55
CA GLY A 11 -3.44 8.37 -17.19
C GLY A 11 -3.30 9.69 -17.95
N ALA A 12 -2.77 9.61 -19.17
CA ALA A 12 -2.34 10.78 -19.90
C ALA A 12 -3.50 11.50 -20.54
N ALA A 13 -4.71 10.93 -20.53
CA ALA A 13 -5.75 11.50 -21.39
C ALA A 13 -6.22 12.85 -20.86
N GLN A 14 -6.11 13.08 -19.54
CA GLN A 14 -6.62 14.32 -18.95
C GLN A 14 -5.89 14.60 -17.63
N GLY A 15 -6.27 15.70 -16.94
CA GLY A 15 -5.78 15.96 -15.60
C GLY A 15 -4.26 16.13 -15.56
N ILE A 16 -3.68 15.63 -14.48
CA ILE A 16 -2.26 15.77 -14.22
C ILE A 16 -1.51 15.03 -15.33
N GLY A 17 -2.00 13.87 -15.73
CA GLY A 17 -1.28 13.13 -16.75
C GLY A 17 -1.14 13.91 -18.07
N ARG A 18 -2.22 14.62 -18.49
CA ARG A 18 -2.22 15.43 -19.69
C ARG A 18 -1.20 16.56 -19.51
N ALA A 19 -1.16 17.13 -18.31
CA ALA A 19 -0.22 18.19 -17.98
C ALA A 19 1.23 17.71 -18.09
N PHE A 20 1.49 16.46 -17.65
CA PHE A 20 2.79 15.87 -17.76
C PHE A 20 3.20 15.73 -19.23
N ALA A 21 2.26 15.22 -20.04
CA ALA A 21 2.50 15.00 -21.45
C ALA A 21 2.87 16.31 -22.14
N GLU A 22 2.13 17.37 -21.83
CA GLU A 22 2.37 18.67 -22.44
C GLU A 22 3.73 19.19 -21.99
N ALA A 23 4.02 19.13 -20.69
CA ALA A 23 5.29 19.59 -20.14
C ALA A 23 6.42 18.84 -20.84
N LEU A 24 6.26 17.52 -20.99
CA LEU A 24 7.32 16.75 -21.62
C LEU A 24 7.43 17.11 -23.10
N LEU A 25 6.28 17.32 -23.77
CA LEU A 25 6.33 17.68 -25.18
C LEU A 25 7.05 19.03 -25.32
N LEU A 26 6.83 19.94 -24.37
CA LEU A 26 7.41 21.27 -24.49
C LEU A 26 8.92 21.17 -24.40
N LYS A 27 9.42 20.15 -23.68
CA LYS A 27 10.84 20.01 -23.45
C LYS A 27 11.49 19.07 -24.47
N GLY A 28 10.73 18.65 -25.49
CA GLY A 28 11.28 17.91 -26.62
C GLY A 28 11.22 16.39 -26.48
N ALA A 29 10.40 15.90 -25.54
CA ALA A 29 10.22 14.46 -25.43
C ALA A 29 9.24 13.96 -26.48
N LYS A 30 9.31 12.66 -26.75
CA LYS A 30 8.18 11.95 -27.36
C LYS A 30 7.39 11.30 -26.23
N VAL A 31 6.07 11.24 -26.41
CA VAL A 31 5.23 10.80 -25.30
C VAL A 31 4.21 9.78 -25.79
N ALA A 32 4.20 8.64 -25.10
CA ALA A 32 3.13 7.68 -25.29
C ALA A 32 2.09 7.97 -24.23
N LEU A 33 0.89 8.37 -24.67
CA LEU A 33 -0.22 8.68 -23.80
C LEU A 33 -0.98 7.38 -23.58
N VAL A 34 -1.01 6.91 -22.32
CA VAL A 34 -1.63 5.62 -22.08
C VAL A 34 -2.78 5.86 -21.13
N ASP A 35 -3.97 5.38 -21.50
CA ASP A 35 -5.14 5.68 -20.71
C ASP A 35 -6.24 4.73 -21.15
N TRP A 36 -7.17 4.43 -20.26
CA TRP A 36 -8.23 3.49 -20.58
C TRP A 36 -9.41 4.20 -21.20
N ASN A 37 -9.40 5.53 -21.09
CA ASN A 37 -10.51 6.29 -21.59
C ASN A 37 -10.25 6.61 -23.06
N LEU A 38 -10.81 5.81 -23.97
CA LEU A 38 -10.59 5.99 -25.39
C LEU A 38 -11.05 7.38 -25.84
N GLU A 39 -12.23 7.80 -25.41
CA GLU A 39 -12.78 9.05 -25.94
C GLU A 39 -11.87 10.20 -25.55
N ALA A 40 -11.52 10.28 -24.25
CA ALA A 40 -10.62 11.31 -23.73
C ALA A 40 -9.24 11.23 -24.38
N GLY A 41 -8.75 9.99 -24.56
CA GLY A 41 -7.41 9.77 -25.08
C GLY A 41 -7.30 10.26 -26.52
N VAL A 42 -8.35 10.00 -27.30
CA VAL A 42 -8.35 10.33 -28.72
C VAL A 42 -8.36 11.86 -28.86
N GLN A 43 -9.23 12.51 -28.08
CA GLN A 43 -9.35 13.95 -28.11
C GLN A 43 -8.08 14.61 -27.52
N CYS A 44 -7.48 13.98 -26.50
CA CYS A 44 -6.22 14.53 -26.01
C CYS A 44 -5.14 14.58 -27.09
N LYS A 45 -4.93 13.46 -27.77
CA LYS A 45 -3.89 13.41 -28.78
C LYS A 45 -4.23 14.36 -29.94
N ALA A 46 -5.52 14.43 -30.30
CA ALA A 46 -5.96 15.41 -31.28
C ALA A 46 -5.59 16.82 -30.83
N ALA A 47 -5.80 17.13 -29.55
CA ALA A 47 -5.55 18.50 -29.11
C ALA A 47 -4.04 18.77 -29.14
N LEU A 48 -3.25 17.76 -28.71
CA LEU A 48 -1.80 17.84 -28.67
C LEU A 48 -1.21 18.02 -30.06
N ASP A 49 -1.83 17.37 -31.08
CA ASP A 49 -1.39 17.41 -32.46
C ASP A 49 -1.58 18.80 -33.07
N GLU A 50 -2.39 19.63 -32.44
CA GLU A 50 -2.62 20.98 -32.92
C GLU A 50 -1.50 21.89 -32.41
N GLN A 51 -0.72 21.40 -31.43
CA GLN A 51 0.23 22.24 -30.74
C GLN A 51 1.64 21.70 -30.94
N PHE A 52 1.78 20.37 -31.01
CA PHE A 52 3.07 19.70 -31.17
C PHE A 52 2.98 18.89 -32.45
N GLU A 53 4.11 18.41 -32.96
CA GLU A 53 4.04 17.61 -34.17
C GLU A 53 3.40 16.26 -33.87
N PRO A 54 2.52 15.77 -34.76
CA PRO A 54 1.73 14.56 -34.48
C PRO A 54 2.54 13.31 -34.14
N GLN A 55 3.75 13.24 -34.69
CA GLN A 55 4.59 12.07 -34.51
C GLN A 55 5.24 12.06 -33.12
N LYS A 56 5.08 13.14 -32.36
CA LYS A 56 5.69 13.14 -31.04
C LYS A 56 4.82 12.42 -30.02
N THR A 57 3.56 12.11 -30.37
CA THR A 57 2.69 11.45 -29.40
C THR A 57 2.09 10.20 -30.04
N LEU A 58 1.84 9.23 -29.18
CA LEU A 58 1.18 7.99 -29.53
C LEU A 58 0.15 7.77 -28.44
N PHE A 59 -1.11 7.59 -28.83
CA PHE A 59 -2.13 7.21 -27.88
C PHE A 59 -2.30 5.69 -27.89
N ILE A 60 -2.23 5.08 -26.70
CA ILE A 60 -2.53 3.67 -26.59
C ILE A 60 -3.60 3.47 -25.52
N GLN A 61 -4.71 2.84 -25.93
CA GLN A 61 -5.75 2.48 -24.97
C GLN A 61 -5.35 1.24 -24.17
N CYS A 62 -5.42 1.39 -22.85
CA CYS A 62 -4.93 0.38 -21.95
C CYS A 62 -5.51 0.60 -20.56
N ASP A 63 -6.05 -0.48 -19.98
CA ASP A 63 -6.39 -0.51 -18.57
C ASP A 63 -5.11 -0.97 -17.85
N VAL A 64 -4.48 -0.05 -17.10
CA VAL A 64 -3.19 -0.38 -16.51
C VAL A 64 -3.32 -1.52 -15.49
N ALA A 65 -4.52 -1.67 -14.94
CA ALA A 65 -4.72 -2.69 -13.92
C ALA A 65 -4.82 -4.06 -14.57
N ASP A 66 -4.97 -4.10 -15.88
CA ASP A 66 -4.87 -5.37 -16.59
C ASP A 66 -3.40 -5.58 -16.95
N GLN A 67 -2.72 -6.49 -16.25
CA GLN A 67 -1.28 -6.59 -16.41
C GLN A 67 -0.88 -7.02 -17.82
N GLN A 68 -1.74 -7.82 -18.46
CA GLN A 68 -1.43 -8.25 -19.80
C GLN A 68 -1.50 -7.08 -20.77
N GLN A 69 -2.51 -6.22 -20.59
CA GLN A 69 -2.57 -5.02 -21.42
C GLN A 69 -1.37 -4.12 -21.13
N LEU A 70 -1.02 -3.98 -19.84
CA LEU A 70 0.07 -3.07 -19.49
C LEU A 70 1.35 -3.55 -20.15
N ARG A 71 1.61 -4.85 -20.03
CA ARG A 71 2.82 -5.43 -20.59
C ARG A 71 2.88 -5.18 -22.10
N ASP A 72 1.73 -5.41 -22.74
CA ASP A 72 1.61 -5.27 -24.18
C ASP A 72 1.83 -3.82 -24.57
N THR A 73 1.26 -2.90 -23.77
CA THR A 73 1.37 -1.47 -24.00
C THR A 73 2.85 -1.06 -23.92
N PHE A 74 3.57 -1.57 -22.91
CA PHE A 74 5.00 -1.30 -22.87
C PHE A 74 5.70 -1.73 -24.17
N ARG A 75 5.41 -2.95 -24.64
CA ARG A 75 5.99 -3.53 -25.85
CA ARG A 75 6.03 -3.50 -25.84
C ARG A 75 5.75 -2.61 -27.05
N LYS A 76 4.51 -2.14 -27.18
CA LYS A 76 4.10 -1.31 -28.30
C LYS A 76 4.78 0.06 -28.24
N VAL A 77 4.97 0.59 -27.04
CA VAL A 77 5.61 1.89 -26.93
C VAL A 77 7.06 1.79 -27.38
N VAL A 78 7.77 0.77 -26.89
CA VAL A 78 9.18 0.61 -27.22
C VAL A 78 9.36 0.21 -28.69
N ASP A 79 8.43 -0.59 -29.23
CA ASP A 79 8.44 -0.88 -30.65
C ASP A 79 8.25 0.38 -31.50
N HIS A 80 7.35 1.26 -31.04
CA HIS A 80 6.99 2.46 -31.79
C HIS A 80 8.09 3.51 -31.71
N PHE A 81 8.61 3.79 -30.51
CA PHE A 81 9.55 4.87 -30.31
C PHE A 81 11.00 4.37 -30.21
N GLY A 82 11.21 3.06 -30.09
CA GLY A 82 12.55 2.47 -30.14
C GLY A 82 13.30 2.39 -28.80
N ARG A 83 12.76 3.02 -27.74
CA ARG A 83 13.39 3.01 -26.42
CA ARG A 83 13.35 2.92 -26.40
C ARG A 83 12.42 3.59 -25.39
N LEU A 84 12.79 3.46 -24.11
CA LEU A 84 12.03 4.11 -23.05
C LEU A 84 13.00 4.82 -22.12
N ASP A 85 12.70 6.09 -21.77
CA ASP A 85 13.61 6.87 -20.96
C ASP A 85 12.94 7.32 -19.65
N ILE A 86 11.64 7.65 -19.73
CA ILE A 86 10.90 8.26 -18.65
C ILE A 86 9.57 7.52 -18.56
N LEU A 87 9.30 6.90 -17.40
CA LEU A 87 8.01 6.31 -17.12
C LEU A 87 7.34 7.11 -16.01
N VAL A 88 6.11 7.54 -16.29
CA VAL A 88 5.32 8.25 -15.31
C VAL A 88 4.08 7.40 -15.04
N ASN A 89 4.08 6.75 -13.87
CA ASN A 89 2.95 5.94 -13.42
C ASN A 89 1.99 6.86 -12.70
N ASN A 90 1.07 7.45 -13.48
CA ASN A 90 0.24 8.56 -13.04
C ASN A 90 -1.23 8.16 -12.93
N ALA A 91 -1.69 7.16 -13.69
CA ALA A 91 -3.08 6.74 -13.56
C ALA A 91 -3.47 6.47 -12.11
N GLY A 92 -4.67 6.92 -11.73
CA GLY A 92 -5.24 6.58 -10.44
C GLY A 92 -6.74 6.89 -10.46
N VAL A 93 -7.46 6.29 -9.52
CA VAL A 93 -8.88 6.52 -9.35
C VAL A 93 -9.14 6.75 -7.87
N ASN A 94 -10.30 7.34 -7.60
CA ASN A 94 -10.84 7.35 -6.25
C ASN A 94 -12.11 6.51 -6.29
N ASN A 95 -12.09 5.38 -5.58
CA ASN A 95 -13.22 4.47 -5.59
C ASN A 95 -13.16 3.64 -4.32
N GLU A 96 -13.81 4.13 -3.25
CA GLU A 96 -13.79 3.39 -2.01
C GLU A 96 -14.84 2.26 -1.99
N LYS A 97 -15.73 2.24 -2.99
CA LYS A 97 -16.76 1.21 -3.09
C LYS A 97 -16.18 -0.09 -3.66
N ASN A 98 -15.67 -0.03 -4.89
CA ASN A 98 -14.93 -1.15 -5.42
C ASN A 98 -13.47 -0.83 -5.13
N TRP A 99 -13.13 -0.89 -3.84
CA TRP A 99 -11.81 -0.54 -3.34
C TRP A 99 -10.74 -1.53 -3.81
N GLU A 100 -11.13 -2.78 -4.12
CA GLU A 100 -10.10 -3.69 -4.63
C GLU A 100 -9.59 -3.18 -5.98
N LYS A 101 -10.49 -2.62 -6.80
CA LYS A 101 -10.08 -2.13 -8.11
CA LYS A 101 -10.06 -2.13 -8.11
C LYS A 101 -9.15 -0.92 -7.91
N THR A 102 -9.49 -0.07 -6.94
CA THR A 102 -8.67 1.07 -6.62
C THR A 102 -7.27 0.64 -6.25
N LEU A 103 -7.13 -0.41 -5.42
CA LEU A 103 -5.77 -0.85 -5.14
C LEU A 103 -5.07 -1.37 -6.40
N GLN A 104 -5.80 -2.14 -7.24
CA GLN A 104 -5.23 -2.68 -8.45
C GLN A 104 -4.70 -1.56 -9.34
N ILE A 105 -5.49 -0.50 -9.47
CA ILE A 105 -5.16 0.61 -10.34
C ILE A 105 -4.07 1.46 -9.68
N ASN A 106 -4.26 1.85 -8.42
CA ASN A 106 -3.42 2.90 -7.85
C ASN A 106 -2.10 2.31 -7.36
N LEU A 107 -2.05 1.02 -7.01
CA LEU A 107 -0.84 0.53 -6.37
C LEU A 107 -0.25 -0.63 -7.18
N VAL A 108 -1.06 -1.66 -7.46
CA VAL A 108 -0.58 -2.80 -8.22
C VAL A 108 0.03 -2.36 -9.55
N SER A 109 -0.66 -1.46 -10.23
CA SER A 109 -0.26 -1.01 -11.55
C SER A 109 0.99 -0.13 -11.49
N VAL A 110 1.14 0.62 -10.39
CA VAL A 110 2.35 1.42 -10.24
C VAL A 110 3.55 0.46 -10.13
N ILE A 111 3.38 -0.62 -9.34
CA ILE A 111 4.50 -1.54 -9.14
C ILE A 111 4.80 -2.30 -10.43
N SER A 112 3.74 -2.83 -11.06
CA SER A 112 3.86 -3.58 -12.30
CA SER A 112 3.97 -3.61 -12.25
C SER A 112 4.56 -2.72 -13.35
N GLY A 113 4.05 -1.50 -13.48
CA GLY A 113 4.58 -0.55 -14.45
C GLY A 113 6.04 -0.27 -14.14
N THR A 114 6.36 -0.02 -12.85
CA THR A 114 7.75 0.25 -12.48
C THR A 114 8.64 -0.93 -12.88
N TYR A 115 8.14 -2.14 -12.67
CA TYR A 115 8.96 -3.31 -12.88
C TYR A 115 9.18 -3.47 -14.40
N LEU A 116 8.12 -3.22 -15.18
CA LEU A 116 8.26 -3.13 -16.62
C LEU A 116 9.25 -2.04 -17.03
N GLY A 117 9.12 -0.83 -16.47
CA GLY A 117 10.06 0.24 -16.76
C GLY A 117 11.50 -0.24 -16.55
N LEU A 118 11.74 -0.91 -15.41
CA LEU A 118 13.09 -1.33 -15.09
C LEU A 118 13.53 -2.42 -16.07
N ASP A 119 12.59 -3.27 -16.51
CA ASP A 119 12.94 -4.32 -17.45
C ASP A 119 13.57 -3.74 -18.71
N TYR A 120 13.03 -2.61 -19.19
CA TYR A 120 13.52 -1.97 -20.40
C TYR A 120 14.75 -1.14 -20.07
N MET A 121 14.69 -0.36 -18.98
CA MET A 121 15.64 0.73 -18.80
C MET A 121 16.88 0.35 -18.00
N SER A 122 16.82 -0.69 -17.17
CA SER A 122 17.99 -0.97 -16.34
C SER A 122 19.20 -1.33 -17.18
N LYS A 123 20.39 -0.86 -16.74
CA LYS A 123 21.66 -1.17 -17.39
C LYS A 123 21.93 -2.66 -17.35
N GLN A 124 21.40 -3.34 -16.34
CA GLN A 124 21.72 -4.74 -16.13
C GLN A 124 20.94 -5.61 -17.11
N ASN A 125 20.04 -4.97 -17.88
CA ASN A 125 19.18 -5.63 -18.87
C ASN A 125 19.46 -5.08 -20.26
N GLY A 126 20.58 -4.38 -20.43
CA GLY A 126 20.92 -3.74 -21.69
C GLY A 126 20.18 -2.40 -21.90
N GLY A 127 19.59 -1.85 -20.84
CA GLY A 127 19.02 -0.52 -20.96
C GLY A 127 20.11 0.54 -20.75
N GLU A 128 19.75 1.80 -20.92
CA GLU A 128 20.71 2.87 -20.77
C GLU A 128 20.31 3.75 -19.59
N GLY A 129 19.48 3.22 -18.70
CA GLY A 129 19.03 3.93 -17.51
C GLY A 129 17.82 4.82 -17.81
N GLY A 130 17.35 5.53 -16.79
CA GLY A 130 16.30 6.52 -17.01
C GLY A 130 15.62 6.85 -15.70
N ILE A 131 14.33 7.20 -15.76
CA ILE A 131 13.68 7.66 -14.55
C ILE A 131 12.24 7.14 -14.55
N ILE A 132 11.84 6.72 -13.35
CA ILE A 132 10.45 6.36 -13.10
C ILE A 132 9.92 7.30 -12.04
N ILE A 133 8.81 7.98 -12.36
CA ILE A 133 8.15 8.82 -11.39
C ILE A 133 6.76 8.23 -11.10
N ASN A 134 6.49 8.02 -9.80
CA ASN A 134 5.22 7.48 -9.38
C ASN A 134 4.38 8.59 -8.75
N MET A 135 3.08 8.62 -9.09
CA MET A 135 2.16 9.59 -8.53
C MET A 135 1.56 9.07 -7.24
N SER A 136 2.05 9.62 -6.12
CA SER A 136 1.40 9.38 -4.85
C SER A 136 0.38 10.50 -4.63
N SER A 137 0.39 11.05 -3.43
CA SER A 137 -0.52 12.12 -3.03
C SER A 137 -0.06 12.54 -1.64
N LEU A 138 -0.53 13.68 -1.12
CA LEU A 138 -0.35 13.93 0.30
C LEU A 138 -1.04 12.80 1.09
N ALA A 139 -2.06 12.16 0.48
CA ALA A 139 -2.74 11.01 1.06
C ALA A 139 -1.78 9.82 1.21
N GLY A 140 -0.55 9.94 0.68
CA GLY A 140 0.46 8.90 0.84
C GLY A 140 1.26 9.09 2.12
N LEU A 141 1.03 10.23 2.80
CA LEU A 141 1.87 10.66 3.90
C LEU A 141 0.99 10.88 5.12
N MET A 142 -0.30 11.07 4.88
CA MET A 142 -1.18 11.33 6.00
C MET A 142 -2.53 10.67 5.74
N PRO A 143 -3.37 10.56 6.77
CA PRO A 143 -4.61 9.81 6.67
C PRO A 143 -5.66 10.61 5.94
N VAL A 144 -6.60 9.90 5.34
CA VAL A 144 -7.80 10.54 4.83
C VAL A 144 -8.97 9.69 5.29
N ALA A 145 -9.71 10.22 6.28
CA ALA A 145 -10.86 9.55 6.87
C ALA A 145 -11.87 9.08 5.83
N GLN A 146 -12.10 9.87 4.79
CA GLN A 146 -13.16 9.56 3.85
C GLN A 146 -12.68 8.70 2.68
N GLN A 147 -11.37 8.36 2.64
CA GLN A 147 -10.92 7.45 1.59
C GLN A 147 -9.77 6.56 2.04
N PRO A 148 -10.04 5.60 2.94
CA PRO A 148 -8.98 4.85 3.57
C PRO A 148 -8.17 4.02 2.59
N VAL A 149 -8.83 3.51 1.55
CA VAL A 149 -8.13 2.62 0.63
C VAL A 149 -7.31 3.45 -0.36
N TYR A 150 -7.84 4.61 -0.77
CA TYR A 150 -7.05 5.53 -1.57
C TYR A 150 -5.77 5.85 -0.80
N CYS A 151 -5.94 6.15 0.48
CA CYS A 151 -4.84 6.48 1.36
C CYS A 151 -3.83 5.32 1.42
N ALA A 152 -4.36 4.11 1.63
CA ALA A 152 -3.55 2.91 1.63
C ALA A 152 -2.75 2.83 0.33
N SER A 153 -3.42 3.07 -0.81
CA SER A 153 -2.77 2.92 -2.11
C SER A 153 -1.63 3.92 -2.27
N LYS A 154 -1.85 5.15 -1.78
CA LYS A 154 -0.89 6.24 -1.95
C LYS A 154 0.29 6.07 -1.00
N HIS A 155 0.01 5.54 0.22
CA HIS A 155 1.04 5.14 1.17
C HIS A 155 1.92 4.04 0.56
N GLY A 156 1.26 3.01 0.00
CA GLY A 156 1.96 1.95 -0.68
C GLY A 156 2.97 2.50 -1.69
N ILE A 157 2.58 3.54 -2.45
CA ILE A 157 3.46 4.02 -3.49
C ILE A 157 4.71 4.66 -2.88
N VAL A 158 4.52 5.37 -1.76
CA VAL A 158 5.66 5.95 -1.09
C VAL A 158 6.65 4.89 -0.61
N GLY A 159 6.18 3.89 0.13
CA GLY A 159 7.03 2.81 0.60
C GLY A 159 7.73 2.10 -0.58
N PHE A 160 6.94 1.79 -1.60
CA PHE A 160 7.48 1.13 -2.78
C PHE A 160 8.58 1.95 -3.44
N THR A 161 8.29 3.23 -3.68
CA THR A 161 9.20 4.02 -4.49
C THR A 161 10.49 4.28 -3.71
N ARG A 162 10.42 4.57 -2.40
CA ARG A 162 11.63 4.86 -1.65
C ARG A 162 12.51 3.59 -1.61
N SER A 163 11.84 2.44 -1.54
CA SER A 163 12.52 1.17 -1.42
C SER A 163 13.20 0.83 -2.75
N ALA A 164 12.47 0.99 -3.86
CA ALA A 164 12.94 0.58 -5.17
C ALA A 164 14.07 1.53 -5.58
N ALA A 165 14.02 2.79 -5.13
CA ALA A 165 15.10 3.73 -5.39
C ALA A 165 16.38 3.19 -4.76
N LEU A 166 16.27 2.71 -3.51
CA LEU A 166 17.49 2.22 -2.89
C LEU A 166 17.99 0.98 -3.64
N ALA A 167 17.07 0.11 -4.08
CA ALA A 167 17.44 -1.09 -4.82
C ALA A 167 18.10 -0.77 -6.14
N ALA A 168 17.60 0.29 -6.81
CA ALA A 168 18.17 0.70 -8.09
C ALA A 168 19.65 1.07 -7.93
N ASN A 169 19.98 1.74 -6.82
CA ASN A 169 21.36 2.02 -6.43
C ASN A 169 22.14 0.74 -6.20
N LEU A 170 21.67 -0.15 -5.31
CA LEU A 170 22.35 -1.41 -5.07
C LEU A 170 22.70 -2.07 -6.40
N MET A 171 21.70 -2.17 -7.29
CA MET A 171 21.75 -2.93 -8.53
C MET A 171 22.48 -2.17 -9.65
N ASN A 172 22.87 -0.90 -9.40
CA ASN A 172 23.46 -0.06 -10.44
CA ASN A 172 23.46 -0.07 -10.45
C ASN A 172 22.63 -0.12 -11.73
N SER A 173 21.31 0.06 -11.60
CA SER A 173 20.43 -0.08 -12.75
C SER A 173 20.48 1.16 -13.65
N GLY A 174 20.89 2.30 -13.08
CA GLY A 174 20.97 3.59 -13.77
C GLY A 174 19.59 4.23 -13.88
N VAL A 175 18.64 3.69 -13.12
CA VAL A 175 17.30 4.22 -13.13
C VAL A 175 17.07 4.93 -11.80
N ARG A 176 16.46 6.09 -11.85
CA ARG A 176 16.10 6.82 -10.66
C ARG A 176 14.59 6.71 -10.49
N LEU A 177 14.13 6.54 -9.25
CA LEU A 177 12.71 6.39 -9.00
C LEU A 177 12.32 7.39 -7.94
N ASN A 178 11.36 8.25 -8.28
CA ASN A 178 10.90 9.30 -7.39
C ASN A 178 9.38 9.26 -7.32
N ALA A 179 8.81 9.90 -6.29
CA ALA A 179 7.36 10.02 -6.21
C ALA A 179 6.95 11.48 -5.97
N ILE A 180 5.74 11.80 -6.44
CA ILE A 180 5.18 13.11 -6.22
C ILE A 180 3.93 12.95 -5.37
N CYS A 181 3.76 13.85 -4.40
CA CYS A 181 2.68 13.84 -3.43
C CYS A 181 1.95 15.18 -3.41
N PRO A 182 1.05 15.43 -4.38
CA PRO A 182 0.40 16.74 -4.44
C PRO A 182 -0.67 16.86 -3.38
N GLY A 183 -0.96 18.11 -3.00
CA GLY A 183 -2.25 18.41 -2.40
C GLY A 183 -3.35 18.28 -3.45
N PHE A 184 -4.52 18.88 -3.16
CA PHE A 184 -5.64 18.88 -4.10
C PHE A 184 -5.20 19.56 -5.40
N VAL A 185 -5.53 18.93 -6.53
CA VAL A 185 -5.22 19.48 -7.83
C VAL A 185 -6.54 19.63 -8.59
N ASN A 186 -6.64 20.72 -9.33
CA ASN A 186 -7.88 21.04 -10.02
C ASN A 186 -8.04 20.08 -11.20
N THR A 187 -8.59 18.88 -10.95
CA THR A 187 -8.84 17.91 -12.02
C THR A 187 -10.23 17.31 -11.77
N ALA A 188 -10.63 16.46 -12.71
CA ALA A 188 -11.94 15.85 -12.68
C ALA A 188 -12.11 14.89 -11.49
N ILE A 189 -11.00 14.33 -10.97
CA ILE A 189 -11.06 13.41 -9.86
C ILE A 189 -11.72 14.09 -8.63
N LEU A 190 -11.62 15.41 -8.53
CA LEU A 190 -12.23 16.04 -7.37
C LEU A 190 -13.75 15.84 -7.36
N GLU A 191 -14.36 15.61 -8.52
CA GLU A 191 -15.79 15.46 -8.62
C GLU A 191 -16.27 14.16 -7.97
N SER A 192 -15.38 13.15 -7.92
CA SER A 192 -15.74 11.81 -7.49
C SER A 192 -16.17 11.80 -6.01
N ILE A 193 -15.76 12.82 -5.24
CA ILE A 193 -16.07 12.80 -3.82
C ILE A 193 -17.56 13.06 -3.62
N GLU A 194 -18.22 13.48 -4.69
CA GLU A 194 -19.65 13.78 -4.61
C GLU A 194 -20.47 12.54 -4.97
N LYS A 195 -19.84 11.48 -5.47
CA LYS A 195 -20.59 10.36 -6.00
C LYS A 195 -20.56 9.16 -5.04
N GLU A 196 -21.73 8.58 -4.73
CA GLU A 196 -21.80 7.37 -3.91
C GLU A 196 -21.05 6.24 -4.61
N GLU A 197 -21.09 6.25 -5.95
CA GLU A 197 -20.41 5.24 -6.75
C GLU A 197 -18.93 5.17 -6.41
N ASN A 198 -18.36 6.33 -6.06
CA ASN A 198 -16.93 6.43 -5.78
C ASN A 198 -16.62 6.39 -4.29
N MET A 199 -17.53 6.92 -3.49
CA MET A 199 -17.33 7.10 -2.07
C MET A 199 -17.89 5.93 -1.26
N GLY A 200 -18.83 5.17 -1.83
CA GLY A 200 -19.53 4.15 -1.07
C GLY A 200 -19.93 4.63 0.33
N GLN A 201 -19.52 3.87 1.36
CA GLN A 201 -19.92 4.06 2.74
C GLN A 201 -19.40 5.39 3.29
N TYR A 202 -18.51 6.08 2.56
CA TYR A 202 -17.94 7.33 3.08
C TYR A 202 -18.64 8.55 2.50
N ILE A 203 -19.65 8.33 1.65
CA ILE A 203 -20.34 9.41 0.94
C ILE A 203 -20.87 10.45 1.93
N GLU A 204 -21.35 10.01 3.10
CA GLU A 204 -22.02 10.86 4.06
C GLU A 204 -21.02 11.79 4.75
N TYR A 205 -19.71 11.55 4.56
CA TYR A 205 -18.70 12.32 5.25
C TYR A 205 -17.90 13.19 4.27
N LYS A 206 -18.37 13.30 3.04
CA LYS A 206 -17.61 13.99 2.00
C LYS A 206 -17.43 15.48 2.30
N ASP A 207 -18.31 16.10 3.11
CA ASP A 207 -18.21 17.53 3.37
C ASP A 207 -16.91 17.87 4.06
N HIS A 208 -16.43 16.97 4.91
CA HIS A 208 -15.11 17.15 5.51
C HIS A 208 -14.01 17.33 4.46
N ILE A 209 -14.08 16.65 3.32
CA ILE A 209 -13.05 16.77 2.29
C ILE A 209 -13.23 18.13 1.61
N LYS A 210 -14.49 18.46 1.35
CA LYS A 210 -14.85 19.73 0.72
C LYS A 210 -14.29 20.88 1.56
N ASP A 211 -14.41 20.75 2.88
CA ASP A 211 -13.88 21.71 3.83
C ASP A 211 -12.36 21.75 3.72
N MET A 212 -11.72 20.59 3.49
CA MET A 212 -10.27 20.63 3.38
C MET A 212 -9.86 21.31 2.09
N ILE A 213 -10.62 21.06 1.02
CA ILE A 213 -10.42 21.73 -0.27
C ILE A 213 -10.49 23.25 -0.11
N LYS A 214 -11.47 23.77 0.62
CA LYS A 214 -11.56 25.21 0.81
C LYS A 214 -10.42 25.70 1.70
N TYR A 215 -10.04 24.86 2.67
CA TYR A 215 -8.98 25.20 3.59
C TYR A 215 -7.68 25.34 2.81
N TYR A 216 -7.30 24.30 2.07
CA TYR A 216 -5.97 24.24 1.46
C TYR A 216 -5.92 24.87 0.08
N GLY A 217 -7.07 25.07 -0.57
CA GLY A 217 -7.06 25.56 -1.93
C GLY A 217 -6.67 24.46 -2.91
N ILE A 218 -6.59 24.81 -4.20
CA ILE A 218 -6.45 23.81 -5.25
C ILE A 218 -5.30 24.21 -6.16
N LEU A 219 -4.42 23.24 -6.46
CA LEU A 219 -3.26 23.47 -7.30
C LEU A 219 -3.64 23.28 -8.76
N ASP A 220 -2.93 23.98 -9.66
CA ASP A 220 -3.08 23.78 -11.10
C ASP A 220 -2.21 22.64 -11.59
N PRO A 221 -2.72 21.76 -12.48
CA PRO A 221 -1.92 20.68 -13.02
C PRO A 221 -0.53 21.11 -13.50
N PRO A 222 -0.35 22.24 -14.27
CA PRO A 222 0.97 22.64 -14.71
C PRO A 222 2.02 22.75 -13.61
N LEU A 223 1.65 23.13 -12.38
CA LEU A 223 2.61 23.19 -11.28
C LEU A 223 3.10 21.77 -10.97
N ILE A 224 2.16 20.81 -11.04
CA ILE A 224 2.56 19.43 -10.78
C ILE A 224 3.54 19.01 -11.87
N ALA A 225 3.24 19.40 -13.14
CA ALA A 225 4.14 19.04 -14.24
C ALA A 225 5.53 19.67 -14.05
N ASN A 226 5.58 20.87 -13.46
CA ASN A 226 6.85 21.48 -13.14
C ASN A 226 7.61 20.62 -12.13
N GLY A 227 6.87 20.05 -11.18
CA GLY A 227 7.52 19.12 -10.26
C GLY A 227 8.12 17.92 -11.00
N LEU A 228 7.36 17.32 -11.93
CA LEU A 228 7.84 16.21 -12.74
C LEU A 228 9.14 16.58 -13.44
N ILE A 229 9.14 17.75 -14.11
CA ILE A 229 10.32 18.17 -14.85
C ILE A 229 11.52 18.33 -13.91
N THR A 230 11.32 18.94 -12.73
CA THR A 230 12.39 19.04 -11.74
C THR A 230 13.01 17.65 -11.49
N LEU A 231 12.15 16.62 -11.28
CA LEU A 231 12.64 15.29 -10.97
C LEU A 231 13.43 14.72 -12.14
N ILE A 232 12.94 14.90 -13.36
CA ILE A 232 13.61 14.36 -14.53
C ILE A 232 14.98 15.01 -14.74
N GLU A 233 15.06 16.31 -14.47
CA GLU A 233 16.23 17.08 -14.86
C GLU A 233 17.37 17.01 -13.86
N ASP A 234 17.07 16.61 -12.62
CA ASP A 234 18.05 16.63 -11.55
C ASP A 234 18.48 15.19 -11.24
N ASP A 235 19.67 14.83 -11.71
CA ASP A 235 20.10 13.44 -11.60
C ASP A 235 20.52 13.10 -10.16
N ALA A 236 20.50 14.07 -9.25
CA ALA A 236 20.83 13.78 -7.87
C ALA A 236 19.60 13.30 -7.11
N LEU A 237 18.42 13.32 -7.76
CA LEU A 237 17.20 13.02 -7.04
C LEU A 237 16.80 11.57 -7.34
N ASN A 238 16.84 10.74 -6.29
CA ASN A 238 16.53 9.33 -6.36
C ASN A 238 15.92 8.95 -5.01
N GLY A 239 14.73 8.35 -5.04
CA GLY A 239 14.03 8.06 -3.82
C GLY A 239 13.37 9.30 -3.22
N ALA A 240 13.43 10.45 -3.91
CA ALA A 240 12.86 11.67 -3.36
C ALA A 240 11.34 11.59 -3.37
N ILE A 241 10.74 12.09 -2.29
CA ILE A 241 9.30 12.20 -2.18
C ILE A 241 8.97 13.68 -2.24
N MET A 242 8.53 14.13 -3.42
CA MET A 242 8.27 15.53 -3.69
C MET A 242 6.85 15.84 -3.24
N LYS A 243 6.71 16.89 -2.43
CA LYS A 243 5.40 17.36 -2.01
C LYS A 243 5.11 18.66 -2.74
N ILE A 244 3.85 18.86 -3.11
CA ILE A 244 3.51 20.09 -3.79
C ILE A 244 2.27 20.58 -3.09
N THR A 245 2.37 21.73 -2.41
CA THR A 245 1.24 22.29 -1.69
C THR A 245 0.97 23.70 -2.17
N THR A 246 -0.26 24.20 -1.92
CA THR A 246 -0.56 25.60 -2.19
C THR A 246 0.32 26.49 -1.29
N SER A 247 0.58 26.06 -0.06
CA SER A 247 1.31 26.90 0.87
C SER A 247 2.78 26.99 0.49
N LYS A 248 3.40 25.89 0.04
CA LYS A 248 4.84 25.83 -0.04
C LYS A 248 5.33 25.51 -1.44
N GLY A 249 4.42 25.21 -2.37
CA GLY A 249 4.82 24.85 -3.72
C GLY A 249 5.62 23.55 -3.68
N ILE A 250 6.61 23.46 -4.56
CA ILE A 250 7.38 22.23 -4.74
C ILE A 250 8.43 22.13 -3.66
N HIS A 251 8.38 21.04 -2.89
CA HIS A 251 9.28 20.81 -1.78
C HIS A 251 9.36 19.30 -1.58
N PHE A 252 10.05 18.85 -0.53
CA PHE A 252 10.34 17.44 -0.39
C PHE A 252 10.03 17.04 1.04
N GLN A 253 9.51 15.83 1.21
CA GLN A 253 9.43 15.17 2.49
C GLN A 253 10.84 14.88 3.00
N ASP A 254 11.15 15.30 4.24
CA ASP A 254 12.40 14.97 4.90
C ASP A 254 12.19 13.80 5.85
N TYR A 255 13.09 12.82 5.78
CA TYR A 255 12.96 11.65 6.62
C TYR A 255 14.09 11.64 7.67
N HIS B 1 -10.41 -5.70 30.41
CA HIS B 1 -11.07 -5.43 29.10
C HIS B 1 -10.97 -6.65 28.18
N VAL B 2 -10.10 -7.60 28.50
CA VAL B 2 -9.83 -8.70 27.58
C VAL B 2 -10.61 -9.95 27.99
N ASN B 3 -10.92 -10.05 29.29
CA ASN B 3 -11.50 -11.26 29.82
C ASN B 3 -12.91 -11.43 29.22
N GLY B 4 -13.20 -12.62 28.67
CA GLY B 4 -14.50 -12.97 28.13
C GLY B 4 -14.68 -12.47 26.70
N LYS B 5 -13.68 -11.76 26.17
CA LYS B 5 -13.81 -11.22 24.83
C LYS B 5 -13.47 -12.33 23.83
N VAL B 6 -13.94 -12.12 22.60
CA VAL B 6 -13.70 -13.09 21.56
C VAL B 6 -12.80 -12.42 20.56
N ALA B 7 -11.65 -13.05 20.32
CA ALA B 7 -10.67 -12.53 19.37
C ALA B 7 -10.53 -13.49 18.20
N LEU B 8 -10.42 -12.91 17.01
CA LEU B 8 -10.05 -13.63 15.79
C LEU B 8 -8.65 -13.12 15.44
N VAL B 9 -7.69 -14.05 15.41
CA VAL B 9 -6.33 -13.67 15.07
C VAL B 9 -5.94 -14.42 13.80
N THR B 10 -5.66 -13.67 12.72
CA THR B 10 -5.18 -14.33 11.51
C THR B 10 -3.67 -14.57 11.64
N GLY B 11 -3.19 -15.64 11.01
CA GLY B 11 -1.78 -15.98 11.09
C GLY B 11 -1.43 -16.55 12.46
N ALA B 12 -2.40 -17.20 13.11
CA ALA B 12 -2.23 -17.54 14.50
C ALA B 12 -1.49 -18.86 14.67
N ALA B 13 -1.11 -19.54 13.58
CA ALA B 13 -0.54 -20.87 13.79
C ALA B 13 0.85 -20.84 14.43
N GLN B 14 1.56 -19.74 14.26
CA GLN B 14 2.92 -19.64 14.77
C GLN B 14 3.32 -18.18 14.87
N GLY B 15 4.53 -17.95 15.37
CA GLY B 15 5.15 -16.63 15.37
C GLY B 15 4.33 -15.61 16.17
N ILE B 16 4.15 -14.44 15.59
CA ILE B 16 3.56 -13.36 16.36
C ILE B 16 2.10 -13.68 16.64
N GLY B 17 1.42 -14.24 15.65
CA GLY B 17 0.01 -14.58 15.81
C GLY B 17 -0.22 -15.55 16.97
N ARG B 18 0.62 -16.58 17.06
CA ARG B 18 0.57 -17.54 18.15
C ARG B 18 0.79 -16.80 19.46
N ALA B 19 1.76 -15.88 19.46
CA ALA B 19 2.05 -15.13 20.68
C ALA B 19 0.84 -14.29 21.10
N PHE B 20 0.17 -13.65 20.14
CA PHE B 20 -1.08 -12.96 20.43
C PHE B 20 -2.11 -13.93 21.03
N ALA B 21 -2.24 -15.12 20.44
CA ALA B 21 -3.27 -16.05 20.88
C ALA B 21 -3.02 -16.38 22.35
N GLU B 22 -1.73 -16.64 22.68
CA GLU B 22 -1.34 -17.02 24.02
C GLU B 22 -1.61 -15.86 24.97
N ALA B 23 -1.21 -14.64 24.58
CA ALA B 23 -1.39 -13.50 25.46
C ALA B 23 -2.87 -13.25 25.76
N LEU B 24 -3.70 -13.36 24.72
CA LEU B 24 -5.14 -13.15 24.86
C LEU B 24 -5.73 -14.24 25.75
N LEU B 25 -5.26 -15.47 25.55
CA LEU B 25 -5.76 -16.62 26.30
C LEU B 25 -5.46 -16.45 27.79
N LEU B 26 -4.22 -16.01 28.09
CA LEU B 26 -3.75 -15.78 29.45
C LEU B 26 -4.62 -14.74 30.16
N LYS B 27 -5.19 -13.79 29.41
CA LYS B 27 -5.97 -12.71 29.97
C LYS B 27 -7.46 -13.00 29.90
N GLY B 28 -7.84 -14.23 29.54
CA GLY B 28 -9.24 -14.65 29.59
C GLY B 28 -10.04 -14.46 28.29
N ALA B 29 -9.41 -14.18 27.14
CA ALA B 29 -10.16 -14.11 25.89
C ALA B 29 -10.49 -15.53 25.44
N LYS B 30 -11.47 -15.65 24.53
CA LYS B 30 -11.57 -16.81 23.67
C LYS B 30 -10.94 -16.44 22.33
N VAL B 31 -10.29 -17.40 21.67
CA VAL B 31 -9.54 -17.02 20.47
C VAL B 31 -9.87 -18.01 19.37
N ALA B 32 -10.31 -17.45 18.23
CA ALA B 32 -10.27 -18.19 16.97
C ALA B 32 -8.91 -17.97 16.34
N LEU B 33 -8.21 -19.09 16.11
CA LEU B 33 -6.92 -19.13 15.46
C LEU B 33 -7.15 -19.46 13.99
N VAL B 34 -6.82 -18.50 13.15
CA VAL B 34 -7.10 -18.61 11.73
C VAL B 34 -5.79 -18.63 10.98
N ASP B 35 -5.58 -19.67 10.19
CA ASP B 35 -4.33 -19.75 9.46
C ASP B 35 -4.51 -20.66 8.25
N TRP B 36 -3.69 -20.47 7.21
CA TRP B 36 -3.79 -21.32 6.03
C TRP B 36 -2.99 -22.62 6.16
N ASN B 37 -2.11 -22.69 7.15
CA ASN B 37 -1.28 -23.85 7.39
C ASN B 37 -1.95 -24.77 8.43
N LEU B 38 -2.69 -25.78 7.93
CA LEU B 38 -3.46 -26.66 8.79
C LEU B 38 -2.51 -27.41 9.71
N GLU B 39 -1.37 -27.83 9.21
CA GLU B 39 -0.51 -28.64 10.05
C GLU B 39 0.06 -27.83 11.24
N ALA B 40 0.50 -26.59 10.97
CA ALA B 40 1.01 -25.71 12.00
C ALA B 40 -0.15 -25.31 12.93
N GLY B 41 -1.34 -25.18 12.35
CA GLY B 41 -2.50 -24.82 13.17
C GLY B 41 -2.82 -25.94 14.15
N VAL B 42 -2.80 -27.18 13.66
CA VAL B 42 -3.10 -28.33 14.49
C VAL B 42 -2.13 -28.39 15.68
N GLN B 43 -0.83 -28.17 15.41
CA GLN B 43 0.20 -28.20 16.43
C GLN B 43 -0.04 -27.06 17.41
N CYS B 44 -0.38 -25.89 16.86
CA CYS B 44 -0.62 -24.75 17.71
C CYS B 44 -1.81 -25.03 18.65
N LYS B 45 -2.92 -25.54 18.10
CA LYS B 45 -4.11 -25.82 18.90
C LYS B 45 -3.78 -26.88 19.94
N ALA B 46 -2.96 -27.86 19.54
CA ALA B 46 -2.61 -28.93 20.46
C ALA B 46 -1.84 -28.34 21.64
N ALA B 47 -0.87 -27.47 21.36
CA ALA B 47 -0.08 -26.88 22.43
C ALA B 47 -0.93 -25.97 23.33
N LEU B 48 -1.86 -25.21 22.72
CA LEU B 48 -2.70 -24.31 23.49
C LEU B 48 -3.60 -25.13 24.41
N ASP B 49 -4.05 -26.30 23.94
CA ASP B 49 -5.01 -27.10 24.68
C ASP B 49 -4.32 -27.75 25.87
N GLU B 50 -3.00 -27.68 25.91
CA GLU B 50 -2.31 -28.21 27.07
C GLU B 50 -2.26 -27.15 28.16
N GLN B 51 -2.44 -25.89 27.77
CA GLN B 51 -2.33 -24.81 28.74
C GLN B 51 -3.69 -24.19 29.06
N PHE B 52 -4.65 -24.31 28.12
CA PHE B 52 -5.94 -23.66 28.27
C PHE B 52 -7.04 -24.68 28.06
N GLU B 53 -8.21 -24.41 28.64
CA GLU B 53 -9.41 -25.18 28.37
C GLU B 53 -9.64 -25.22 26.85
N PRO B 54 -9.91 -26.40 26.27
CA PRO B 54 -10.22 -26.49 24.85
C PRO B 54 -11.35 -25.59 24.35
N GLN B 55 -12.34 -25.28 25.20
CA GLN B 55 -13.48 -24.46 24.79
C GLN B 55 -13.00 -23.03 24.50
N LYS B 56 -11.76 -22.71 24.89
CA LYS B 56 -11.28 -21.33 24.76
C LYS B 56 -10.76 -21.04 23.34
N THR B 57 -10.54 -22.09 22.53
CA THR B 57 -9.93 -21.84 21.24
C THR B 57 -10.64 -22.63 20.15
N LEU B 58 -10.48 -22.15 18.92
CA LEU B 58 -11.06 -22.76 17.74
C LEU B 58 -10.02 -22.57 16.66
N PHE B 59 -9.65 -23.65 15.94
CA PHE B 59 -8.80 -23.50 14.78
C PHE B 59 -9.65 -23.46 13.52
N ILE B 60 -9.40 -22.50 12.61
CA ILE B 60 -10.07 -22.53 11.30
C ILE B 60 -9.01 -22.37 10.21
N GLN B 61 -9.01 -23.31 9.25
CA GLN B 61 -8.12 -23.16 8.11
C GLN B 61 -8.73 -22.17 7.12
N CYS B 62 -7.93 -21.16 6.75
CA CYS B 62 -8.37 -20.15 5.82
C CYS B 62 -7.16 -19.48 5.19
N ASP B 63 -7.27 -19.24 3.87
CA ASP B 63 -6.34 -18.36 3.20
C ASP B 63 -7.00 -17.00 3.22
N VAL B 64 -6.46 -16.09 4.02
CA VAL B 64 -7.08 -14.79 4.19
C VAL B 64 -7.27 -14.05 2.86
N ALA B 65 -6.48 -14.40 1.85
CA ALA B 65 -6.52 -13.70 0.57
C ALA B 65 -7.67 -14.22 -0.30
N ASP B 66 -8.26 -15.33 0.12
CA ASP B 66 -9.47 -15.83 -0.51
C ASP B 66 -10.66 -15.22 0.22
N GLN B 67 -11.25 -14.19 -0.43
CA GLN B 67 -12.17 -13.33 0.28
C GLN B 67 -13.42 -14.13 0.67
N GLN B 68 -13.80 -15.07 -0.21
CA GLN B 68 -14.98 -15.88 0.05
C GLN B 68 -14.73 -16.76 1.28
N GLN B 69 -13.53 -17.32 1.36
CA GLN B 69 -13.19 -18.13 2.51
C GLN B 69 -13.04 -17.26 3.76
N LEU B 70 -12.54 -16.03 3.64
CA LEU B 70 -12.39 -15.13 4.80
C LEU B 70 -13.77 -14.85 5.41
N ARG B 71 -14.73 -14.51 4.53
CA ARG B 71 -16.10 -14.25 4.94
C ARG B 71 -16.67 -15.48 5.62
N ASP B 72 -16.43 -16.65 5.03
CA ASP B 72 -16.91 -17.88 5.65
C ASP B 72 -16.32 -18.04 7.06
N THR B 73 -15.05 -17.68 7.22
CA THR B 73 -14.34 -17.88 8.47
C THR B 73 -14.91 -16.97 9.54
N PHE B 74 -15.22 -15.71 9.20
CA PHE B 74 -15.83 -14.80 10.17
C PHE B 74 -17.19 -15.36 10.59
N ARG B 75 -17.92 -15.93 9.64
CA ARG B 75 -19.23 -16.50 9.94
C ARG B 75 -19.06 -17.63 10.95
N LYS B 76 -18.06 -18.49 10.72
CA LYS B 76 -17.80 -19.63 11.58
C LYS B 76 -17.39 -19.17 12.98
N VAL B 77 -16.52 -18.16 13.07
CA VAL B 77 -16.06 -17.66 14.36
C VAL B 77 -17.26 -17.15 15.15
N VAL B 78 -18.12 -16.36 14.48
CA VAL B 78 -19.21 -15.82 15.26
C VAL B 78 -20.27 -16.90 15.56
N ASP B 79 -20.40 -17.92 14.67
CA ASP B 79 -21.32 -19.00 14.95
C ASP B 79 -20.81 -19.80 16.15
N HIS B 80 -19.49 -19.96 16.24
CA HIS B 80 -18.90 -20.80 17.28
C HIS B 80 -18.95 -20.06 18.62
N PHE B 81 -18.52 -18.80 18.65
CA PHE B 81 -18.28 -18.12 19.92
C PHE B 81 -19.36 -17.09 20.21
N GLY B 82 -20.22 -16.80 19.22
CA GLY B 82 -21.41 -16.00 19.48
C GLY B 82 -21.23 -14.50 19.23
N ARG B 83 -19.99 -14.04 19.07
CA ARG B 83 -19.74 -12.61 18.91
C ARG B 83 -18.28 -12.46 18.54
N LEU B 84 -17.91 -11.23 18.16
CA LEU B 84 -16.51 -10.91 17.90
C LEU B 84 -16.22 -9.58 18.58
N ASP B 85 -15.10 -9.53 19.31
CA ASP B 85 -14.71 -8.35 20.08
C ASP B 85 -13.39 -7.75 19.58
N ILE B 86 -12.46 -8.64 19.21
CA ILE B 86 -11.10 -8.25 18.90
C ILE B 86 -10.74 -8.94 17.58
N LEU B 87 -10.29 -8.15 16.59
CA LEU B 87 -9.78 -8.71 15.35
C LEU B 87 -8.31 -8.30 15.19
N VAL B 88 -7.49 -9.30 14.95
CA VAL B 88 -6.09 -9.02 14.72
C VAL B 88 -5.73 -9.57 13.35
N ASN B 89 -5.51 -8.65 12.42
CA ASN B 89 -5.18 -9.00 11.04
C ASN B 89 -3.68 -9.09 10.98
N ASN B 90 -3.18 -10.30 11.29
CA ASN B 90 -1.78 -10.51 11.56
C ASN B 90 -1.11 -11.29 10.44
N ALA B 91 -1.85 -12.19 9.75
CA ALA B 91 -1.22 -12.95 8.68
C ALA B 91 -0.43 -12.04 7.73
N GLY B 92 0.76 -12.50 7.35
CA GLY B 92 1.57 -11.78 6.37
C GLY B 92 2.66 -12.71 5.81
N VAL B 93 3.15 -12.38 4.61
CA VAL B 93 4.22 -13.11 3.96
C VAL B 93 5.29 -12.12 3.50
N ASN B 94 6.47 -12.69 3.25
CA ASN B 94 7.50 -12.02 2.48
C ASN B 94 7.68 -12.78 1.16
N ASN B 95 7.28 -12.14 0.05
CA ASN B 95 7.43 -12.75 -1.26
C ASN B 95 7.56 -11.66 -2.32
N GLU B 96 8.80 -11.33 -2.62
CA GLU B 96 9.05 -10.26 -3.59
C GLU B 96 8.98 -10.78 -5.02
N LYS B 97 8.93 -12.11 -5.18
CA LYS B 97 8.88 -12.72 -6.50
C LYS B 97 7.43 -12.76 -6.98
N ASN B 98 6.60 -13.47 -6.19
CA ASN B 98 5.17 -13.41 -6.39
CA ASN B 98 5.16 -13.44 -6.35
C ASN B 98 4.60 -12.25 -5.55
N TRP B 99 4.91 -11.04 -6.01
CA TRP B 99 4.69 -9.86 -5.20
C TRP B 99 3.22 -9.48 -5.20
N GLU B 100 2.49 -9.86 -6.24
CA GLU B 100 1.06 -9.58 -6.24
C GLU B 100 0.34 -10.35 -5.12
N LYS B 101 0.77 -11.59 -4.87
CA LYS B 101 0.22 -12.41 -3.78
C LYS B 101 0.59 -11.80 -2.42
N THR B 102 1.82 -11.28 -2.31
CA THR B 102 2.21 -10.57 -1.10
C THR B 102 1.27 -9.40 -0.85
N LEU B 103 0.92 -8.68 -1.92
CA LEU B 103 0.03 -7.56 -1.69
C LEU B 103 -1.35 -8.05 -1.31
N GLN B 104 -1.81 -9.15 -1.93
CA GLN B 104 -3.13 -9.68 -1.64
C GLN B 104 -3.20 -10.09 -0.17
N ILE B 105 -2.17 -10.80 0.31
CA ILE B 105 -2.19 -11.27 1.69
C ILE B 105 -1.97 -10.09 2.62
N ASN B 106 -0.92 -9.29 2.36
CA ASN B 106 -0.47 -8.40 3.41
C ASN B 106 -1.35 -7.15 3.51
N LEU B 107 -2.01 -6.78 2.40
CA LEU B 107 -2.71 -5.51 2.40
C LEU B 107 -4.18 -5.72 2.07
N VAL B 108 -4.42 -6.40 0.94
CA VAL B 108 -5.82 -6.51 0.53
C VAL B 108 -6.62 -7.22 1.63
N SER B 109 -6.00 -8.28 2.20
CA SER B 109 -6.70 -9.10 3.18
C SER B 109 -6.85 -8.39 4.51
N VAL B 110 -5.92 -7.46 4.78
CA VAL B 110 -6.03 -6.65 5.98
C VAL B 110 -7.22 -5.70 5.84
N ILE B 111 -7.40 -5.14 4.64
CA ILE B 111 -8.54 -4.27 4.41
C ILE B 111 -9.85 -5.07 4.44
N SER B 112 -9.89 -6.19 3.70
CA SER B 112 -11.13 -6.95 3.67
C SER B 112 -11.46 -7.46 5.08
N GLY B 113 -10.45 -7.94 5.81
CA GLY B 113 -10.69 -8.47 7.15
C GLY B 113 -11.17 -7.34 8.04
N THR B 114 -10.54 -6.16 7.90
CA THR B 114 -10.95 -5.01 8.69
C THR B 114 -12.42 -4.71 8.43
N TYR B 115 -12.79 -4.66 7.16
CA TYR B 115 -14.15 -4.30 6.80
C TYR B 115 -15.13 -5.31 7.39
N LEU B 116 -14.74 -6.59 7.40
CA LEU B 116 -15.60 -7.59 8.00
C LEU B 116 -15.68 -7.36 9.51
N GLY B 117 -14.55 -6.98 10.11
CA GLY B 117 -14.57 -6.73 11.53
C GLY B 117 -15.54 -5.60 11.88
N LEU B 118 -15.61 -4.57 11.03
CA LEU B 118 -16.50 -3.45 11.27
C LEU B 118 -17.94 -3.90 11.10
N ASP B 119 -18.21 -4.73 10.09
CA ASP B 119 -19.57 -5.22 9.93
C ASP B 119 -20.02 -5.96 11.20
N TYR B 120 -19.15 -6.80 11.76
CA TYR B 120 -19.53 -7.57 12.94
C TYR B 120 -19.54 -6.73 14.22
N MET B 121 -18.81 -5.62 14.27
CA MET B 121 -18.55 -5.00 15.57
C MET B 121 -19.15 -3.59 15.67
N SER B 122 -19.37 -2.91 14.55
CA SER B 122 -19.91 -1.57 14.58
C SER B 122 -21.30 -1.50 15.25
N LYS B 123 -21.46 -0.43 16.05
CA LYS B 123 -22.71 -0.10 16.71
C LYS B 123 -23.75 0.28 15.66
N GLN B 124 -23.27 0.79 14.51
CA GLN B 124 -24.09 1.09 13.34
C GLN B 124 -24.88 -0.14 12.89
N ASN B 125 -24.43 -1.36 13.21
CA ASN B 125 -25.20 -2.54 12.87
C ASN B 125 -25.71 -3.23 14.14
N GLY B 126 -25.73 -2.51 15.25
CA GLY B 126 -26.19 -3.11 16.48
C GLY B 126 -25.11 -3.90 17.21
N GLY B 127 -23.87 -3.83 16.71
CA GLY B 127 -22.76 -4.39 17.49
C GLY B 127 -22.42 -3.57 18.73
N GLU B 128 -21.44 -4.04 19.50
CA GLU B 128 -21.07 -3.40 20.75
C GLU B 128 -19.77 -2.61 20.58
N GLY B 129 -19.26 -2.56 19.35
CA GLY B 129 -17.95 -1.97 19.15
C GLY B 129 -16.89 -3.04 19.40
N GLY B 130 -15.64 -2.61 19.36
CA GLY B 130 -14.55 -3.56 19.47
C GLY B 130 -13.23 -2.94 19.05
N ILE B 131 -12.26 -3.80 18.78
CA ILE B 131 -10.95 -3.29 18.42
C ILE B 131 -10.44 -4.10 17.25
N ILE B 132 -9.83 -3.42 16.27
CA ILE B 132 -9.16 -4.09 15.17
C ILE B 132 -7.69 -3.66 15.19
N ILE B 133 -6.80 -4.65 15.20
CA ILE B 133 -5.37 -4.39 15.22
CA ILE B 133 -5.37 -4.36 15.20
C ILE B 133 -4.76 -4.98 13.94
N ASN B 134 -4.05 -4.12 13.19
CA ASN B 134 -3.47 -4.57 11.95
C ASN B 134 -1.94 -4.56 12.09
N MET B 135 -1.34 -5.61 11.54
CA MET B 135 0.11 -5.81 11.68
C MET B 135 0.80 -5.17 10.49
N SER B 136 1.42 -4.02 10.76
CA SER B 136 2.34 -3.37 9.84
C SER B 136 3.76 -3.83 10.20
N SER B 137 4.71 -2.91 10.25
CA SER B 137 6.13 -3.24 10.41
C SER B 137 6.85 -1.91 10.46
N LEU B 138 8.10 -1.90 10.96
CA LEU B 138 8.88 -0.71 10.70
C LEU B 138 8.97 -0.45 9.20
N ALA B 139 8.84 -1.52 8.41
CA ALA B 139 8.86 -1.45 6.95
C ALA B 139 7.64 -0.67 6.43
N GLY B 140 6.68 -0.37 7.32
CA GLY B 140 5.51 0.44 6.99
C GLY B 140 5.82 1.93 7.11
N LEU B 141 7.01 2.23 7.66
CA LEU B 141 7.34 3.60 8.04
C LEU B 141 8.59 4.10 7.33
N MET B 142 9.46 3.16 6.96
CA MET B 142 10.75 3.46 6.36
C MET B 142 11.00 2.48 5.21
N PRO B 143 11.91 2.78 4.25
CA PRO B 143 12.16 1.89 3.12
C PRO B 143 12.92 0.61 3.45
N VAL B 144 12.69 -0.43 2.65
CA VAL B 144 13.49 -1.63 2.75
C VAL B 144 13.94 -1.95 1.33
N ALA B 145 15.21 -1.67 1.04
CA ALA B 145 15.71 -1.85 -0.33
C ALA B 145 15.50 -3.27 -0.85
N GLN B 146 15.48 -4.27 0.03
CA GLN B 146 15.50 -5.63 -0.48
C GLN B 146 14.07 -6.17 -0.48
N GLN B 147 13.10 -5.34 -0.07
CA GLN B 147 11.73 -5.84 -0.18
C GLN B 147 10.75 -4.70 -0.43
N PRO B 148 10.81 -4.08 -1.62
CA PRO B 148 9.95 -2.95 -1.93
C PRO B 148 8.46 -3.22 -1.84
N VAL B 149 8.01 -4.39 -2.28
CA VAL B 149 6.59 -4.65 -2.26
C VAL B 149 6.12 -4.96 -0.85
N TYR B 150 6.92 -5.72 -0.10
CA TYR B 150 6.59 -5.92 1.31
C TYR B 150 6.46 -4.53 1.95
N CYS B 151 7.44 -3.67 1.66
CA CYS B 151 7.40 -2.31 2.17
C CYS B 151 6.09 -1.59 1.79
N ALA B 152 5.72 -1.66 0.51
CA ALA B 152 4.50 -1.05 -0.02
C ALA B 152 3.30 -1.54 0.80
N SER B 153 3.29 -2.85 1.05
CA SER B 153 2.15 -3.48 1.72
C SER B 153 2.02 -2.94 3.15
N LYS B 154 3.17 -2.76 3.83
CA LYS B 154 3.11 -2.36 5.23
C LYS B 154 2.86 -0.86 5.34
N HIS B 155 3.31 -0.08 4.34
CA HIS B 155 2.96 1.32 4.28
C HIS B 155 1.45 1.44 4.09
N GLY B 156 0.90 0.58 3.23
CA GLY B 156 -0.52 0.65 2.90
C GLY B 156 -1.32 0.45 4.18
N ILE B 157 -0.84 -0.46 5.04
CA ILE B 157 -1.53 -0.77 6.28
C ILE B 157 -1.54 0.45 7.19
N VAL B 158 -0.41 1.16 7.26
CA VAL B 158 -0.39 2.37 8.08
C VAL B 158 -1.43 3.38 7.60
N GLY B 159 -1.33 3.78 6.33
CA GLY B 159 -2.29 4.76 5.83
C GLY B 159 -3.75 4.31 5.99
N PHE B 160 -4.02 3.05 5.64
CA PHE B 160 -5.35 2.49 5.75
C PHE B 160 -5.88 2.57 7.19
N THR B 161 -5.05 2.15 8.15
CA THR B 161 -5.47 2.02 9.54
C THR B 161 -5.71 3.41 10.14
N ARG B 162 -4.76 4.32 9.91
CA ARG B 162 -4.93 5.68 10.40
C ARG B 162 -6.23 6.28 9.86
N SER B 163 -6.52 6.04 8.58
CA SER B 163 -7.71 6.59 7.94
C SER B 163 -8.96 5.93 8.50
N ALA B 164 -8.96 4.60 8.59
CA ALA B 164 -10.14 3.88 9.07
C ALA B 164 -10.45 4.26 10.51
N ALA B 165 -9.41 4.56 11.30
CA ALA B 165 -9.63 4.95 12.69
C ALA B 165 -10.37 6.28 12.75
N LEU B 166 -10.00 7.18 11.86
CA LEU B 166 -10.64 8.48 11.81
C LEU B 166 -12.10 8.30 11.37
N ALA B 167 -12.30 7.44 10.37
CA ALA B 167 -13.63 7.18 9.87
C ALA B 167 -14.48 6.54 10.96
N ALA B 168 -13.86 5.70 11.80
CA ALA B 168 -14.59 5.06 12.88
C ALA B 168 -15.16 6.08 13.86
N ASN B 169 -14.37 7.09 14.22
CA ASN B 169 -14.80 8.20 15.06
C ASN B 169 -16.00 8.87 14.40
N LEU B 170 -15.90 9.13 13.09
CA LEU B 170 -16.95 9.86 12.39
C LEU B 170 -18.26 9.03 12.37
N MET B 171 -18.13 7.71 12.20
CA MET B 171 -19.28 6.86 11.99
C MET B 171 -19.85 6.42 13.33
N ASN B 172 -19.16 6.76 14.42
CA ASN B 172 -19.56 6.31 15.74
C ASN B 172 -19.79 4.79 15.74
N SER B 173 -18.87 4.07 15.09
CA SER B 173 -18.93 2.62 15.06
C SER B 173 -18.58 1.99 16.41
N GLY B 174 -17.84 2.71 17.26
CA GLY B 174 -17.42 2.17 18.53
C GLY B 174 -16.23 1.22 18.35
N VAL B 175 -15.63 1.25 17.16
CA VAL B 175 -14.52 0.37 16.85
C VAL B 175 -13.25 1.20 16.81
N ARG B 176 -12.21 0.73 17.51
CA ARG B 176 -10.93 1.43 17.51
C ARG B 176 -10.02 0.61 16.60
N LEU B 177 -9.24 1.30 15.77
CA LEU B 177 -8.32 0.66 14.84
C LEU B 177 -6.92 1.19 15.08
N ASN B 178 -6.01 0.26 15.30
CA ASN B 178 -4.61 0.60 15.54
C ASN B 178 -3.74 -0.34 14.73
N ALA B 179 -2.49 0.04 14.59
CA ALA B 179 -1.56 -0.82 13.90
C ALA B 179 -0.28 -0.94 14.72
N ILE B 180 0.38 -2.10 14.58
CA ILE B 180 1.63 -2.34 15.26
C ILE B 180 2.70 -2.38 14.17
N CYS B 181 3.87 -1.77 14.47
CA CYS B 181 4.96 -1.70 13.51
C CYS B 181 6.25 -2.19 14.17
N PRO B 182 6.50 -3.52 14.24
CA PRO B 182 7.70 -4.06 14.87
C PRO B 182 8.96 -3.87 14.03
N GLY B 183 10.07 -3.78 14.75
CA GLY B 183 11.34 -4.13 14.17
C GLY B 183 11.39 -5.63 13.89
N PHE B 184 12.58 -6.16 13.70
CA PHE B 184 12.63 -7.59 13.42
C PHE B 184 12.15 -8.39 14.64
N VAL B 185 11.38 -9.44 14.38
CA VAL B 185 10.84 -10.31 15.40
C VAL B 185 11.34 -11.73 15.16
N ASN B 186 11.66 -12.44 16.25
CA ASN B 186 12.26 -13.76 16.13
C ASN B 186 11.18 -14.77 15.72
N THR B 187 10.96 -14.91 14.40
CA THR B 187 9.96 -15.83 13.87
C THR B 187 10.52 -16.46 12.61
N ALA B 188 9.76 -17.45 12.11
CA ALA B 188 10.15 -18.17 10.90
C ALA B 188 10.22 -17.27 9.68
N ILE B 189 9.51 -16.12 9.67
CA ILE B 189 9.50 -15.30 8.46
C ILE B 189 10.90 -14.80 8.14
N LEU B 190 11.75 -14.72 9.17
CA LEU B 190 13.11 -14.24 8.95
C LEU B 190 13.86 -15.16 8.00
N GLU B 191 13.50 -16.45 8.03
CA GLU B 191 14.13 -17.43 7.17
C GLU B 191 13.92 -17.09 5.69
N SER B 192 12.84 -16.37 5.38
CA SER B 192 12.43 -16.19 3.99
C SER B 192 13.48 -15.38 3.22
N ILE B 193 14.32 -14.63 3.94
CA ILE B 193 15.23 -13.73 3.26
C ILE B 193 16.36 -14.53 2.64
N GLU B 194 16.43 -15.85 2.95
CA GLU B 194 17.49 -16.72 2.46
C GLU B 194 17.12 -17.38 1.14
N LYS B 195 15.87 -17.22 0.71
CA LYS B 195 15.32 -18.05 -0.35
C LYS B 195 15.03 -17.20 -1.57
N GLU B 196 15.67 -17.57 -2.68
CA GLU B 196 15.44 -16.90 -3.94
C GLU B 196 13.93 -16.95 -4.27
N GLU B 197 13.25 -18.01 -3.83
CA GLU B 197 11.83 -18.19 -4.09
C GLU B 197 11.04 -16.99 -3.51
N ASN B 198 11.54 -16.43 -2.40
CA ASN B 198 10.81 -15.40 -1.69
C ASN B 198 11.41 -14.03 -1.97
N MET B 199 12.66 -13.98 -2.44
CA MET B 199 13.34 -12.69 -2.53
C MET B 199 13.47 -12.26 -4.00
N GLY B 200 13.37 -13.23 -4.90
CA GLY B 200 13.54 -13.01 -6.33
C GLY B 200 14.83 -12.23 -6.64
N GLN B 201 14.65 -11.15 -7.41
CA GLN B 201 15.74 -10.31 -7.89
C GLN B 201 16.53 -9.67 -6.74
N TYR B 202 16.02 -9.76 -5.50
CA TYR B 202 16.64 -9.09 -4.36
C TYR B 202 17.49 -10.05 -3.53
N ILE B 203 17.53 -11.34 -3.91
CA ILE B 203 18.22 -12.37 -3.14
C ILE B 203 19.68 -11.99 -2.96
N GLU B 204 20.28 -11.31 -3.95
CA GLU B 204 21.72 -11.04 -3.90
C GLU B 204 22.08 -10.02 -2.82
N TYR B 205 21.09 -9.34 -2.25
CA TYR B 205 21.43 -8.31 -1.29
C TYR B 205 20.88 -8.70 0.07
N LYS B 206 20.61 -10.00 0.27
CA LYS B 206 20.01 -10.52 1.49
C LYS B 206 20.92 -10.28 2.69
N ASP B 207 22.25 -10.30 2.53
CA ASP B 207 23.13 -10.13 3.67
C ASP B 207 23.01 -8.76 4.32
N HIS B 208 22.59 -7.71 3.59
CA HIS B 208 22.33 -6.43 4.24
C HIS B 208 21.22 -6.57 5.30
N ILE B 209 20.18 -7.36 5.00
CA ILE B 209 19.16 -7.59 6.00
C ILE B 209 19.71 -8.43 7.14
N LYS B 210 20.48 -9.47 6.82
CA LYS B 210 21.06 -10.32 7.86
C LYS B 210 21.92 -9.49 8.81
N ASP B 211 22.64 -8.52 8.24
CA ASP B 211 23.41 -7.64 9.09
C ASP B 211 22.48 -6.81 9.98
N MET B 212 21.43 -6.21 9.42
CA MET B 212 20.53 -5.41 10.24
C MET B 212 19.89 -6.24 11.34
N ILE B 213 19.52 -7.49 11.03
CA ILE B 213 19.01 -8.36 12.07
C ILE B 213 19.97 -8.42 13.26
N LYS B 214 21.26 -8.60 12.98
CA LYS B 214 22.21 -8.74 14.07
C LYS B 214 22.49 -7.41 14.77
N TYR B 215 22.55 -6.31 14.01
CA TYR B 215 22.97 -5.06 14.62
C TYR B 215 21.81 -4.36 15.32
N TYR B 216 20.60 -4.48 14.77
CA TYR B 216 19.46 -3.93 15.51
C TYR B 216 19.02 -4.91 16.59
N GLY B 217 19.21 -6.21 16.37
CA GLY B 217 18.72 -7.21 17.28
C GLY B 217 17.31 -7.66 16.88
N ILE B 218 16.84 -8.73 17.53
CA ILE B 218 15.53 -9.27 17.24
C ILE B 218 14.68 -9.22 18.50
N LEU B 219 13.37 -9.02 18.30
CA LEU B 219 12.38 -8.95 19.36
C LEU B 219 11.77 -10.33 19.60
N ASP B 220 11.45 -10.64 20.86
CA ASP B 220 10.75 -11.85 21.24
C ASP B 220 9.25 -11.68 20.93
N PRO B 221 8.59 -12.61 20.22
CA PRO B 221 7.15 -12.48 19.98
C PRO B 221 6.29 -12.03 21.17
N PRO B 222 6.45 -12.58 22.40
CA PRO B 222 5.70 -12.08 23.55
C PRO B 222 5.67 -10.56 23.74
N LEU B 223 6.76 -9.86 23.35
CA LEU B 223 6.86 -8.42 23.50
C LEU B 223 5.85 -7.75 22.58
N ILE B 224 5.64 -8.33 21.40
CA ILE B 224 4.70 -7.75 20.46
C ILE B 224 3.30 -7.97 21.03
N ALA B 225 3.08 -9.17 21.59
CA ALA B 225 1.81 -9.53 22.26
C ALA B 225 1.55 -8.53 23.39
N ASN B 226 2.60 -8.13 24.13
CA ASN B 226 2.42 -7.10 25.14
C ASN B 226 1.83 -5.82 24.53
N GLY B 227 2.34 -5.44 23.35
CA GLY B 227 1.89 -4.23 22.66
C GLY B 227 0.41 -4.36 22.30
N LEU B 228 0.08 -5.54 21.74
CA LEU B 228 -1.30 -5.91 21.43
C LEU B 228 -2.20 -5.65 22.63
N ILE B 229 -1.84 -6.24 23.77
CA ILE B 229 -2.66 -6.14 24.96
C ILE B 229 -2.82 -4.68 25.36
N THR B 230 -1.71 -3.92 25.33
CA THR B 230 -1.80 -2.49 25.62
C THR B 230 -2.89 -1.85 24.78
N LEU B 231 -2.84 -2.06 23.45
CA LEU B 231 -3.81 -1.49 22.52
C LEU B 231 -5.23 -1.86 22.93
N ILE B 232 -5.39 -3.12 23.33
CA ILE B 232 -6.72 -3.59 23.64
C ILE B 232 -7.24 -2.96 24.93
N GLU B 233 -6.33 -2.69 25.89
CA GLU B 233 -6.77 -2.28 27.21
C GLU B 233 -6.92 -0.76 27.28
N ASP B 234 -6.32 -0.05 26.34
CA ASP B 234 -6.34 1.39 26.43
C ASP B 234 -7.31 1.93 25.40
N ASP B 235 -8.54 2.24 25.83
CA ASP B 235 -9.58 2.67 24.92
C ASP B 235 -9.39 4.12 24.47
N ALA B 236 -8.25 4.75 24.80
CA ALA B 236 -7.92 6.07 24.30
C ALA B 236 -7.20 5.94 22.96
N LEU B 237 -6.79 4.70 22.63
CA LEU B 237 -5.89 4.47 21.50
C LEU B 237 -6.71 4.14 20.27
N ASN B 238 -6.70 5.07 19.32
CA ASN B 238 -7.46 4.87 18.11
C ASN B 238 -6.65 5.55 17.01
N GLY B 239 -6.34 4.84 15.92
CA GLY B 239 -5.46 5.37 14.90
C GLY B 239 -3.99 5.32 15.31
N ALA B 240 -3.70 4.70 16.45
CA ALA B 240 -2.34 4.68 16.99
C ALA B 240 -1.48 3.77 16.13
N ILE B 241 -0.29 4.27 15.81
CA ILE B 241 0.70 3.46 15.15
C ILE B 241 1.78 3.18 16.19
N MET B 242 1.73 1.96 16.69
CA MET B 242 2.61 1.49 17.74
C MET B 242 3.89 0.91 17.14
N LYS B 243 5.03 1.45 17.56
CA LYS B 243 6.33 0.94 17.13
C LYS B 243 6.93 0.11 18.25
N ILE B 244 7.55 -1.02 17.89
CA ILE B 244 8.26 -1.83 18.85
C ILE B 244 9.66 -2.06 18.31
N THR B 245 10.67 -1.55 19.02
CA THR B 245 12.05 -1.79 18.58
C THR B 245 12.83 -2.25 19.79
N THR B 246 13.96 -2.94 19.54
CA THR B 246 14.83 -3.41 20.60
C THR B 246 15.38 -2.22 21.41
N SER B 247 15.54 -1.04 20.81
CA SER B 247 16.17 0.02 21.57
C SER B 247 15.20 0.94 22.31
N LYS B 248 14.00 1.16 21.74
CA LYS B 248 13.05 2.11 22.31
C LYS B 248 11.80 1.41 22.83
N GLY B 249 11.80 0.06 22.81
CA GLY B 249 10.70 -0.77 23.28
C GLY B 249 9.37 -0.41 22.61
N ILE B 250 8.28 -0.50 23.40
CA ILE B 250 6.93 -0.24 22.91
C ILE B 250 6.63 1.26 22.98
N HIS B 251 6.58 1.90 21.83
CA HIS B 251 6.27 3.31 21.72
C HIS B 251 5.37 3.57 20.52
N PHE B 252 5.23 4.86 20.17
CA PHE B 252 4.27 5.28 19.17
C PHE B 252 4.93 6.24 18.19
N GLN B 253 4.51 6.11 16.92
CA GLN B 253 4.85 7.08 15.89
C GLN B 253 3.99 8.32 16.14
N ASP B 254 4.64 9.47 16.28
CA ASP B 254 3.89 10.71 16.45
C ASP B 254 3.82 11.39 15.09
N TYR B 255 2.70 12.10 14.83
CA TYR B 255 2.49 12.70 13.52
C TYR B 255 2.30 14.22 13.64
#